data_9Q0A
#
_entry.id   9Q0A
#
_cell.length_a   43.170
_cell.length_b   79.890
_cell.length_c   118.080
_cell.angle_alpha   90.000
_cell.angle_beta   90.000
_cell.angle_gamma   90.000
#
_symmetry.space_group_name_H-M   'P 2 21 21'
#
loop_
_entity.id
_entity.type
_entity.pdbx_description
1 polymer Beta-lactamase
2 polymer 'Beta-lactamase inhibitory protein'
3 water water
#
loop_
_entity_poly.entity_id
_entity_poly.type
_entity_poly.pdbx_seq_one_letter_code
_entity_poly.pdbx_strand_id
1 'polypeptide(L)'
;QTSAVQQKLAALEKSSGGRLGVALIDTADNTQVLYRGDERFPMCSTSKVMAAAAVLKQSETQKQLLNQPVEIKPADLVNY
NPIAEKHVNGTMTLAELSAAALQYSDNTAMNKLIAQLGGPGGVTAFARAIGDETFRLDRTEPTLNTAIPGDPRDTTTPRA
MAQTLRQLTLGHALGETQRAQLVTWLKGNTTGAASIRAGLPTSWTVGDKTGSGDYGTTNDIAVIWPQGRAPLVLVTYFTQ
PQQNAESRRDVLASAARIIAEGL
;
A
2 'polypeptide(L)'
;AGVMTGAKFTQIQFGMTRQQVLDIAGAENCETGGSFGDSIHCRGHAAGDYYAYATFGFTSAAADAKVDSKSQWKLLAPSA
PTLTLAKFNQVTVGMTRAQVLATVGQGSCTTWSEYYPAYPSTAGVTLSLSCFDVDGYSSTGFYRGSAHLWFTDGVLQGKR
QWDLV
;
B
#
# COMPACT_ATOMS: atom_id res chain seq x y z
N GLN A 1 -20.13 26.55 -11.63
CA GLN A 1 -21.40 25.96 -12.01
C GLN A 1 -21.30 24.43 -12.06
N THR A 2 -22.49 23.86 -12.04
CA THR A 2 -22.67 22.44 -12.28
C THR A 2 -22.15 22.05 -13.66
N SER A 3 -22.45 22.88 -14.68
CA SER A 3 -21.97 22.59 -16.03
C SER A 3 -20.45 22.63 -16.09
N ALA A 4 -19.83 23.57 -15.37
CA ALA A 4 -18.36 23.65 -15.38
C ALA A 4 -17.72 22.37 -14.83
N VAL A 5 -18.30 21.78 -13.78
CA VAL A 5 -17.75 20.55 -13.23
C VAL A 5 -17.71 19.47 -14.31
N GLN A 6 -18.82 19.29 -15.03
CA GLN A 6 -18.84 18.25 -16.05
C GLN A 6 -17.89 18.55 -17.20
N GLN A 7 -17.85 19.80 -17.66
CA GLN A 7 -16.95 20.14 -18.77
C GLN A 7 -15.50 19.98 -18.36
N LYS A 8 -15.15 20.42 -17.16
CA LYS A 8 -13.76 20.39 -16.73
C LYS A 8 -13.31 18.96 -16.40
N LEU A 9 -14.19 18.14 -15.83
CA LEU A 9 -13.83 16.73 -15.64
C LEU A 9 -13.58 16.05 -16.98
N ALA A 10 -14.43 16.34 -17.96
CA ALA A 10 -14.24 15.73 -19.27
C ALA A 10 -12.94 16.22 -19.91
N ALA A 11 -12.61 17.51 -19.73
CA ALA A 11 -11.38 18.04 -20.29
C ALA A 11 -10.16 17.46 -19.58
N LEU A 12 -10.24 17.30 -18.27
CA LEU A 12 -9.16 16.66 -17.52
C LEU A 12 -8.95 15.24 -18.02
N GLU A 13 -10.04 14.49 -18.16
CA GLU A 13 -9.94 13.12 -18.63
C GLU A 13 -9.29 13.06 -20.01
N LYS A 14 -9.73 13.95 -20.91
CA LYS A 14 -9.20 13.96 -22.27
C LYS A 14 -7.70 14.27 -22.28
N SER A 15 -7.29 15.31 -21.55
CA SER A 15 -5.89 15.72 -21.55
C SER A 15 -4.99 14.69 -20.91
N SER A 16 -5.53 13.86 -20.03
CA SER A 16 -4.75 12.83 -19.36
C SER A 16 -4.65 11.55 -20.18
N GLY A 17 -5.48 11.41 -21.22
CA GLY A 17 -5.45 10.19 -22.00
C GLY A 17 -5.97 8.96 -21.29
N GLY A 18 -6.70 9.15 -20.19
CA GLY A 18 -7.25 8.02 -19.46
C GLY A 18 -8.76 8.06 -19.28
N ARG A 19 -9.25 7.25 -18.35
CA ARG A 19 -10.67 7.15 -18.03
C ARG A 19 -10.84 7.50 -16.56
N LEU A 20 -11.67 8.50 -16.31
CA LEU A 20 -11.82 9.11 -15.01
C LEU A 20 -13.22 8.82 -14.48
N GLY A 21 -13.31 8.40 -13.22
CA GLY A 21 -14.59 8.18 -12.57
C GLY A 21 -14.67 8.93 -11.27
N VAL A 22 -15.73 9.71 -11.07
CA VAL A 22 -15.86 10.53 -9.88
C VAL A 22 -17.26 10.38 -9.31
N ALA A 23 -17.36 10.36 -7.97
CA ALA A 23 -18.64 10.46 -7.29
C ALA A 23 -18.42 11.32 -6.05
N LEU A 24 -19.21 12.38 -5.91
CA LEU A 24 -19.18 13.25 -4.74
C LEU A 24 -20.56 13.25 -4.12
N ILE A 25 -20.66 12.79 -2.88
CA ILE A 25 -21.92 12.85 -2.13
C ILE A 25 -21.82 13.99 -1.15
N ASP A 26 -22.81 14.88 -1.15
CA ASP A 26 -22.92 15.93 -0.15
C ASP A 26 -24.00 15.49 0.83
N THR A 27 -23.60 15.16 2.06
CA THR A 27 -24.58 14.64 2.99
C THR A 27 -25.47 15.71 3.59
N ALA A 28 -25.17 16.98 3.34
CA ALA A 28 -26.09 18.04 3.79
C ALA A 28 -27.46 17.88 3.15
N ASP A 29 -27.51 17.52 1.88
CA ASP A 29 -28.78 17.47 1.15
C ASP A 29 -28.92 16.20 0.31
N ASN A 30 -28.06 15.20 0.56
CA ASN A 30 -28.16 13.91 -0.09
C ASN A 30 -28.03 14.02 -1.60
N THR A 31 -27.25 14.99 -2.07
CA THR A 31 -26.96 15.13 -3.48
C THR A 31 -25.69 14.36 -3.82
N GLN A 32 -25.54 14.04 -5.11
CA GLN A 32 -24.39 13.28 -5.56
C GLN A 32 -24.10 13.67 -6.99
N VAL A 33 -22.90 14.17 -7.21
CA VAL A 33 -22.42 14.52 -8.53
C VAL A 33 -21.58 13.37 -9.04
N LEU A 34 -21.78 13.00 -10.30
CA LEU A 34 -21.16 11.82 -10.87
C LEU A 34 -20.43 12.16 -12.16
N TYR A 35 -19.35 11.42 -12.41
CA TYR A 35 -18.74 11.39 -13.72
C TYR A 35 -18.35 9.95 -14.00
N ARG A 36 -18.96 9.34 -15.02
CA ARG A 36 -18.85 7.90 -15.24
C ARG A 36 -19.17 7.16 -13.96
N GLY A 37 -20.22 7.62 -13.27
CA GLY A 37 -20.50 7.12 -11.93
C GLY A 37 -20.91 5.67 -11.89
N ASP A 38 -21.42 5.15 -13.01
CA ASP A 38 -21.89 3.77 -13.08
C ASP A 38 -21.00 2.87 -13.92
N GLU A 39 -19.83 3.34 -14.31
CA GLU A 39 -18.84 2.50 -14.98
C GLU A 39 -17.96 1.81 -13.96
N ARG A 40 -17.56 0.58 -14.26
CA ARG A 40 -16.66 -0.14 -13.39
C ARG A 40 -15.23 0.32 -13.58
N PHE A 41 -14.48 0.34 -12.49
CA PHE A 41 -13.07 0.71 -12.44
C PHE A 41 -12.35 -0.29 -11.56
N PRO A 42 -11.09 -0.59 -11.85
CA PRO A 42 -10.32 -1.43 -10.93
C PRO A 42 -10.06 -0.69 -9.63
N MET A 43 -10.40 -1.33 -8.50
CA MET A 43 -10.28 -0.67 -7.21
C MET A 43 -8.84 -0.58 -6.73
N CYS A 44 -8.02 -1.54 -7.12
CA CYS A 44 -6.69 -1.73 -6.53
C CYS A 44 -6.76 -1.54 -5.01
N SER A 45 -5.84 -0.75 -4.46
CA SER A 45 -5.68 -0.70 -3.02
C SER A 45 -6.88 -0.08 -2.28
N THR A 46 -7.81 0.57 -2.98
CA THR A 46 -8.94 1.12 -2.24
C THR A 46 -9.81 0.03 -1.64
N SER A 47 -9.70 -1.20 -2.16
CA SER A 47 -10.44 -2.32 -1.59
C SER A 47 -10.02 -2.65 -0.17
N LYS A 48 -8.89 -2.12 0.31
CA LYS A 48 -8.48 -2.39 1.69
C LYS A 48 -9.46 -1.81 2.69
N VAL A 49 -10.20 -0.75 2.31
CA VAL A 49 -11.24 -0.22 3.20
C VAL A 49 -12.29 -1.28 3.49
N MET A 50 -12.74 -1.97 2.45
CA MET A 50 -13.80 -2.96 2.66
C MET A 50 -13.29 -4.16 3.45
N ALA A 51 -12.02 -4.53 3.26
CA ALA A 51 -11.45 -5.64 4.03
C ALA A 51 -11.34 -5.26 5.51
N ALA A 52 -10.83 -4.07 5.80
CA ALA A 52 -10.76 -3.63 7.20
C ALA A 52 -12.15 -3.52 7.81
N ALA A 53 -13.11 -2.98 7.05
CA ALA A 53 -14.47 -2.84 7.57
C ALA A 53 -15.09 -4.20 7.84
N ALA A 54 -14.80 -5.19 6.98
CA ALA A 54 -15.38 -6.52 7.18
C ALA A 54 -14.85 -7.16 8.45
N VAL A 55 -13.56 -6.94 8.74
CA VAL A 55 -13.01 -7.44 10.01
C VAL A 55 -13.62 -6.68 11.18
N LEU A 56 -13.78 -5.36 11.04
CA LEU A 56 -14.48 -4.61 12.08
C LEU A 56 -15.87 -5.18 12.34
N LYS A 57 -16.61 -5.47 11.28
CA LYS A 57 -17.95 -6.05 11.45
C LYS A 57 -17.87 -7.39 12.19
N GLN A 58 -16.92 -8.24 11.82
CA GLN A 58 -16.73 -9.49 12.55
C GLN A 58 -16.47 -9.24 14.03
N SER A 59 -15.69 -8.21 14.35
CA SER A 59 -15.38 -7.92 15.74
C SER A 59 -16.59 -7.44 16.54
N GLU A 60 -17.71 -7.12 15.88
CA GLU A 60 -18.93 -6.79 16.62
C GLU A 60 -19.52 -8.02 17.30
N THR A 61 -19.27 -9.20 16.74
CA THR A 61 -19.68 -10.46 17.36
C THR A 61 -18.53 -11.14 18.09
N GLN A 62 -17.34 -11.17 17.50
CA GLN A 62 -16.16 -11.74 18.16
C GLN A 62 -15.41 -10.56 18.78
N LYS A 63 -15.76 -10.21 20.02
CA LYS A 63 -15.46 -8.87 20.52
C LYS A 63 -13.97 -8.65 20.78
N GLN A 64 -13.18 -9.72 20.87
CA GLN A 64 -11.75 -9.59 21.08
C GLN A 64 -10.94 -9.79 19.80
N LEU A 65 -11.62 -9.85 18.64
CA LEU A 65 -10.95 -10.20 17.39
C LEU A 65 -9.81 -9.25 17.07
N LEU A 66 -10.00 -7.95 17.27
CA LEU A 66 -8.95 -7.01 16.86
C LEU A 66 -7.68 -7.15 17.69
N ASN A 67 -7.76 -7.81 18.84
CA ASN A 67 -6.57 -8.02 19.67
C ASN A 67 -5.91 -9.35 19.39
N GLN A 68 -6.45 -10.14 18.48
CA GLN A 68 -5.87 -11.45 18.17
C GLN A 68 -4.49 -11.27 17.54
N PRO A 69 -3.46 -11.92 18.09
CA PRO A 69 -2.15 -11.89 17.45
C PRO A 69 -2.10 -12.80 16.23
N VAL A 70 -1.52 -12.28 15.15
CA VAL A 70 -1.39 -12.99 13.89
C VAL A 70 0.09 -13.10 13.57
N GLU A 71 0.55 -14.32 13.29
CA GLU A 71 1.96 -14.52 13.00
C GLU A 71 2.32 -13.93 11.65
N ILE A 72 3.44 -13.22 11.60
CA ILE A 72 3.99 -12.67 10.35
C ILE A 72 5.22 -13.49 10.00
N LYS A 73 5.13 -14.23 8.94
CA LYS A 73 6.23 -15.09 8.53
C LYS A 73 6.85 -14.57 7.25
N PRO A 74 8.12 -14.87 6.98
CA PRO A 74 8.71 -14.41 5.71
C PRO A 74 7.91 -14.80 4.49
N ALA A 75 7.26 -15.96 4.51
CA ALA A 75 6.44 -16.40 3.38
C ALA A 75 5.23 -15.50 3.17
N ASP A 76 4.86 -14.71 4.17
CA ASP A 76 3.73 -13.79 4.03
C ASP A 76 4.11 -12.48 3.34
N LEU A 77 5.39 -12.18 3.25
CA LEU A 77 5.80 -10.95 2.59
C LEU A 77 5.53 -11.07 1.10
N VAL A 78 5.00 -10.02 0.49
CA VAL A 78 4.70 -10.14 -0.92
C VAL A 78 5.64 -9.25 -1.73
N ASN A 79 5.20 -8.05 -2.04
CA ASN A 79 6.02 -7.12 -2.79
C ASN A 79 6.25 -5.82 -2.06
N TYR A 80 5.41 -5.49 -1.10
CA TYR A 80 5.42 -4.18 -0.47
C TYR A 80 4.75 -4.36 0.87
N ASN A 81 5.52 -4.22 1.94
CA ASN A 81 4.99 -4.52 3.27
C ASN A 81 5.81 -3.78 4.29
N PRO A 82 5.69 -2.45 4.35
CA PRO A 82 6.60 -1.65 5.21
C PRO A 82 6.34 -1.80 6.69
N ILE A 83 5.12 -2.15 7.11
CA ILE A 83 4.89 -2.37 8.53
C ILE A 83 5.05 -3.85 8.88
N ALA A 84 4.52 -4.75 8.07
CA ALA A 84 4.64 -6.17 8.41
C ALA A 84 6.11 -6.58 8.47
N GLU A 85 6.96 -6.04 7.61
CA GLU A 85 8.34 -6.50 7.62
C GLU A 85 9.05 -6.11 8.91
N LYS A 86 8.56 -5.08 9.62
CA LYS A 86 9.12 -4.76 10.93
C LYS A 86 8.83 -5.84 11.96
N HIS A 87 7.80 -6.66 11.74
CA HIS A 87 7.34 -7.65 12.71
C HIS A 87 7.47 -9.08 12.21
N VAL A 88 8.26 -9.29 11.15
CA VAL A 88 8.42 -10.65 10.62
C VAL A 88 9.07 -11.51 11.69
N ASN A 89 8.65 -12.78 11.74
CA ASN A 89 8.96 -13.74 12.78
C ASN A 89 8.38 -13.36 14.15
N GLY A 90 7.47 -12.41 14.19
CA GLY A 90 6.70 -12.05 15.37
C GLY A 90 5.23 -12.01 15.03
N THR A 91 4.48 -11.22 15.79
CA THR A 91 3.05 -11.09 15.56
C THR A 91 2.64 -9.62 15.44
N MET A 92 1.53 -9.42 14.76
CA MET A 92 0.76 -8.18 14.75
C MET A 92 -0.68 -8.52 15.09
N THR A 93 -1.38 -7.61 15.75
CA THR A 93 -2.80 -7.87 15.95
C THR A 93 -3.59 -7.50 14.71
N LEU A 94 -4.83 -7.99 14.66
CA LEU A 94 -5.68 -7.63 13.54
C LEU A 94 -5.95 -6.12 13.51
N ALA A 95 -5.97 -5.45 14.66
CA ALA A 95 -6.09 -3.99 14.66
C ALA A 95 -4.88 -3.36 14.00
N GLU A 96 -3.68 -3.82 14.35
CA GLU A 96 -2.47 -3.30 13.72
C GLU A 96 -2.43 -3.60 12.24
N LEU A 97 -2.86 -4.81 11.84
CA LEU A 97 -2.88 -5.16 10.42
C LEU A 97 -3.90 -4.31 9.67
N SER A 98 -5.05 -4.04 10.29
CA SER A 98 -6.02 -3.16 9.65
C SER A 98 -5.45 -1.77 9.45
N ALA A 99 -4.85 -1.21 10.49
CA ALA A 99 -4.26 0.12 10.39
C ALA A 99 -3.16 0.15 9.34
N ALA A 100 -2.33 -0.89 9.29
CA ALA A 100 -1.23 -0.93 8.32
C ALA A 100 -1.76 -1.02 6.90
N ALA A 101 -2.78 -1.84 6.68
CA ALA A 101 -3.38 -1.91 5.36
C ALA A 101 -3.93 -0.56 4.95
N LEU A 102 -4.60 0.12 5.88
CA LEU A 102 -5.26 1.38 5.51
C LEU A 102 -4.26 2.53 5.40
N GLN A 103 -3.33 2.65 6.34
CA GLN A 103 -2.52 3.85 6.43
C GLN A 103 -1.24 3.80 5.63
N TYR A 104 -0.76 2.60 5.30
CA TYR A 104 0.44 2.43 4.48
C TYR A 104 0.19 1.57 3.24
N SER A 105 -1.02 1.03 3.09
CA SER A 105 -1.34 0.15 1.97
C SER A 105 -0.49 -1.12 1.98
N ASP A 106 -0.12 -1.55 3.19
CA ASP A 106 0.71 -2.74 3.37
C ASP A 106 0.00 -3.96 2.80
N ASN A 107 0.70 -4.65 1.87
CA ASN A 107 0.03 -5.74 1.17
C ASN A 107 -0.02 -7.02 1.98
N THR A 108 0.98 -7.27 2.82
CA THR A 108 0.90 -8.41 3.73
C THR A 108 -0.24 -8.22 4.72
N ALA A 109 -0.41 -7.00 5.22
CA ALA A 109 -1.52 -6.70 6.11
C ALA A 109 -2.85 -7.00 5.43
N MET A 110 -3.03 -6.51 4.21
CA MET A 110 -4.24 -6.79 3.47
C MET A 110 -4.46 -8.29 3.36
N ASN A 111 -3.43 -9.03 3.00
CA ASN A 111 -3.64 -10.47 2.83
C ASN A 111 -4.03 -11.15 4.14
N LYS A 112 -3.55 -10.63 5.28
CA LYS A 112 -3.96 -11.21 6.55
C LYS A 112 -5.43 -10.92 6.84
N LEU A 113 -5.90 -9.72 6.49
CA LEU A 113 -7.33 -9.42 6.61
C LEU A 113 -8.15 -10.36 5.75
N ILE A 114 -7.71 -10.56 4.50
CA ILE A 114 -8.43 -11.42 3.58
C ILE A 114 -8.49 -12.83 4.13
N ALA A 115 -7.35 -13.33 4.62
CA ALA A 115 -7.32 -14.68 5.17
C ALA A 115 -8.23 -14.82 6.38
N GLN A 116 -8.26 -13.80 7.23
CA GLN A 116 -9.14 -13.83 8.39
C GLN A 116 -10.60 -14.01 7.98
N LEU A 117 -10.96 -13.43 6.83
CA LEU A 117 -12.33 -13.42 6.32
C LEU A 117 -12.65 -14.64 5.48
N GLY A 118 -11.73 -15.59 5.35
CA GLY A 118 -11.98 -16.77 4.55
C GLY A 118 -11.71 -16.63 3.07
N GLY A 119 -10.99 -15.58 2.66
CA GLY A 119 -10.69 -15.34 1.27
C GLY A 119 -11.31 -14.06 0.76
N PRO A 120 -10.99 -13.67 -0.48
CA PRO A 120 -11.59 -12.45 -1.05
C PRO A 120 -13.10 -12.46 -1.01
N GLY A 121 -13.71 -13.64 -1.13
CA GLY A 121 -15.17 -13.71 -1.06
C GLY A 121 -15.71 -13.22 0.26
N GLY A 122 -14.91 -13.33 1.34
CA GLY A 122 -15.38 -12.82 2.62
C GLY A 122 -15.53 -11.31 2.63
N VAL A 123 -14.64 -10.63 1.92
CA VAL A 123 -14.78 -9.18 1.81
C VAL A 123 -16.01 -8.85 0.98
N THR A 124 -16.20 -9.58 -0.11
CA THR A 124 -17.32 -9.29 -1.00
C THR A 124 -18.64 -9.64 -0.33
N ALA A 125 -18.66 -10.70 0.47
CA ALA A 125 -19.87 -11.07 1.18
C ALA A 125 -20.27 -9.99 2.17
N PHE A 126 -19.29 -9.35 2.81
CA PHE A 126 -19.61 -8.24 3.70
C PHE A 126 -20.22 -7.09 2.92
N ALA A 127 -19.66 -6.80 1.75
CA ALA A 127 -20.25 -5.76 0.90
C ALA A 127 -21.72 -6.05 0.61
N ARG A 128 -22.02 -7.30 0.24
CA ARG A 128 -23.42 -7.65 -0.01
C ARG A 128 -24.26 -7.47 1.24
N ALA A 129 -23.70 -7.80 2.41
CA ALA A 129 -24.46 -7.72 3.66
C ALA A 129 -24.88 -6.29 3.97
N ILE A 130 -24.10 -5.30 3.55
CA ILE A 130 -24.46 -3.91 3.81
C ILE A 130 -25.14 -3.28 2.59
N GLY A 131 -25.53 -4.07 1.60
CA GLY A 131 -26.33 -3.60 0.49
C GLY A 131 -25.57 -3.19 -0.74
N ASP A 132 -24.26 -3.44 -0.80
CA ASP A 132 -23.46 -3.10 -1.96
C ASP A 132 -23.46 -4.32 -2.88
N GLU A 133 -24.19 -4.23 -3.98
CA GLU A 133 -24.28 -5.33 -4.95
C GLU A 133 -23.29 -5.19 -6.09
N THR A 134 -22.44 -4.16 -6.06
CA THR A 134 -21.55 -3.83 -7.16
C THR A 134 -20.11 -4.22 -6.87
N PHE A 135 -19.63 -3.88 -5.68
CA PHE A 135 -18.28 -4.22 -5.23
C PHE A 135 -17.96 -5.69 -5.43
N ARG A 136 -16.79 -5.99 -5.97
CA ARG A 136 -16.33 -7.38 -5.91
C ARG A 136 -14.83 -7.41 -5.74
N LEU A 137 -14.38 -8.04 -4.66
CA LEU A 137 -12.98 -8.39 -4.48
C LEU A 137 -12.83 -9.87 -4.77
N ASP A 138 -11.94 -10.19 -5.69
CA ASP A 138 -11.79 -11.55 -6.19
C ASP A 138 -10.42 -12.13 -5.94
N ARG A 139 -9.41 -11.30 -5.71
CA ARG A 139 -8.06 -11.79 -5.58
C ARG A 139 -7.38 -11.17 -4.36
N THR A 140 -6.24 -11.76 -4.01
CA THR A 140 -5.37 -11.25 -2.97
C THR A 140 -4.35 -10.29 -3.53
N GLU A 141 -3.54 -9.71 -2.65
CA GLU A 141 -2.38 -8.95 -3.09
C GLU A 141 -1.29 -9.89 -3.57
N PRO A 142 -0.61 -9.57 -4.67
CA PRO A 142 -0.67 -8.33 -5.44
C PRO A 142 -1.54 -8.41 -6.69
N THR A 143 -2.09 -9.57 -7.04
CA THR A 143 -2.73 -9.71 -8.34
C THR A 143 -4.07 -8.97 -8.44
N LEU A 144 -4.65 -8.55 -7.31
CA LEU A 144 -5.90 -7.79 -7.43
C LEU A 144 -5.71 -6.44 -8.11
N ASN A 145 -4.46 -6.06 -8.40
CA ASN A 145 -4.12 -4.77 -8.99
C ASN A 145 -3.81 -4.86 -10.48
N THR A 146 -4.14 -5.98 -11.15
CA THR A 146 -3.77 -6.10 -12.56
C THR A 146 -4.50 -5.07 -13.42
N ALA A 147 -5.72 -4.69 -13.04
CA ALA A 147 -6.41 -3.53 -13.60
C ALA A 147 -6.64 -3.66 -15.11
N ILE A 148 -6.93 -4.87 -15.56
CA ILE A 148 -7.07 -5.12 -17.01
C ILE A 148 -8.39 -4.52 -17.49
N PRO A 149 -8.37 -3.70 -18.54
CA PRO A 149 -9.61 -3.12 -19.04
C PRO A 149 -10.63 -4.20 -19.39
N GLY A 150 -11.87 -3.98 -18.96
CA GLY A 150 -12.95 -4.92 -19.21
C GLY A 150 -13.00 -6.10 -18.27
N ASP A 151 -11.98 -6.32 -17.46
CA ASP A 151 -11.97 -7.41 -16.49
C ASP A 151 -12.78 -6.98 -15.27
N PRO A 152 -13.88 -7.66 -14.94
CA PRO A 152 -14.69 -7.23 -13.79
C PRO A 152 -14.09 -7.60 -12.44
N ARG A 153 -13.08 -8.46 -12.40
CA ARG A 153 -12.48 -8.81 -11.13
C ARG A 153 -11.96 -7.56 -10.42
N ASP A 154 -12.24 -7.48 -9.11
CA ASP A 154 -11.66 -6.45 -8.26
C ASP A 154 -12.05 -5.05 -8.72
N THR A 155 -13.32 -4.88 -9.09
CA THR A 155 -13.84 -3.63 -9.57
C THR A 155 -15.05 -3.20 -8.76
N THR A 156 -15.34 -1.90 -8.84
CA THR A 156 -16.62 -1.36 -8.43
C THR A 156 -16.90 -0.14 -9.27
N THR A 157 -17.98 0.57 -8.96
CA THR A 157 -18.28 1.83 -9.63
C THR A 157 -18.12 2.99 -8.65
N PRO A 158 -17.90 4.20 -9.15
CA PRO A 158 -17.80 5.35 -8.24
C PRO A 158 -19.05 5.55 -7.40
N ARG A 159 -20.23 5.42 -8.00
CA ARG A 159 -21.48 5.55 -7.24
C ARG A 159 -21.51 4.53 -6.12
N ALA A 160 -21.23 3.27 -6.42
CA ALA A 160 -21.35 2.23 -5.42
C ALA A 160 -20.36 2.47 -4.28
N MET A 161 -19.12 2.84 -4.62
CA MET A 161 -18.12 2.99 -3.57
C MET A 161 -18.38 4.23 -2.72
N ALA A 162 -18.87 5.32 -3.33
CA ALA A 162 -19.19 6.49 -2.52
C ALA A 162 -20.31 6.20 -1.54
N GLN A 163 -21.37 5.52 -2.01
CA GLN A 163 -22.47 5.12 -1.12
C GLN A 163 -21.96 4.25 0.02
N THR A 164 -21.17 3.23 -0.32
CA THR A 164 -20.69 2.32 0.70
C THR A 164 -19.76 3.01 1.69
N LEU A 165 -18.84 3.82 1.18
CA LEU A 165 -17.95 4.55 2.10
C LEU A 165 -18.77 5.44 3.02
N ARG A 166 -19.81 6.08 2.48
CA ARG A 166 -20.70 6.88 3.32
C ARG A 166 -21.32 6.03 4.43
N GLN A 167 -21.84 4.85 4.08
CA GLN A 167 -22.48 4.01 5.09
C GLN A 167 -21.48 3.57 6.16
N LEU A 168 -20.24 3.29 5.74
CA LEU A 168 -19.23 2.81 6.67
C LEU A 168 -18.74 3.91 7.62
N THR A 169 -18.50 5.11 7.10
CA THR A 169 -17.83 6.15 7.88
C THR A 169 -18.79 7.14 8.52
N LEU A 170 -19.98 7.32 7.95
CA LEU A 170 -20.94 8.27 8.47
C LEU A 170 -22.27 7.65 8.87
N GLY A 171 -22.61 6.49 8.32
CA GLY A 171 -23.85 5.83 8.60
C GLY A 171 -23.71 4.70 9.60
N HIS A 172 -24.52 3.67 9.42
CA HIS A 172 -24.73 2.65 10.44
C HIS A 172 -24.37 1.25 9.96
N ALA A 173 -23.55 1.14 8.90
CA ALA A 173 -23.09 -0.17 8.47
C ALA A 173 -22.30 -0.87 9.57
N LEU A 174 -21.59 -0.11 10.38
CA LEU A 174 -20.82 -0.64 11.51
C LEU A 174 -21.40 -0.10 12.82
N GLY A 175 -21.09 -0.80 13.91
CA GLY A 175 -21.37 -0.24 15.22
C GLY A 175 -20.63 1.07 15.44
N GLU A 176 -21.13 1.86 16.40
CA GLU A 176 -20.54 3.18 16.63
C GLU A 176 -19.05 3.09 16.94
N THR A 177 -18.64 2.12 17.77
CA THR A 177 -17.23 2.04 18.13
C THR A 177 -16.40 1.61 16.93
N GLN A 178 -16.94 0.72 16.10
CA GLN A 178 -16.21 0.27 14.91
C GLN A 178 -16.12 1.38 13.88
N ARG A 179 -17.19 2.15 13.71
CA ARG A 179 -17.15 3.32 12.84
C ARG A 179 -16.06 4.28 13.29
N ALA A 180 -15.99 4.56 14.60
CA ALA A 180 -14.94 5.44 15.10
C ALA A 180 -13.57 4.88 14.81
N GLN A 181 -13.39 3.56 14.99
CA GLN A 181 -12.09 2.94 14.70
C GLN A 181 -11.72 3.13 13.24
N LEU A 182 -12.67 2.88 12.33
CA LEU A 182 -12.38 3.00 10.91
C LEU A 182 -12.02 4.42 10.53
N VAL A 183 -12.79 5.40 11.03
CA VAL A 183 -12.53 6.80 10.72
C VAL A 183 -11.19 7.24 11.28
N THR A 184 -10.86 6.82 12.49
CA THR A 184 -9.56 7.13 13.08
C THR A 184 -8.44 6.63 12.19
N TRP A 185 -8.55 5.39 11.71
CA TRP A 185 -7.54 4.84 10.83
C TRP A 185 -7.43 5.66 9.54
N LEU A 186 -8.57 5.98 8.92
CA LEU A 186 -8.54 6.70 7.65
C LEU A 186 -7.96 8.10 7.80
N LYS A 187 -8.27 8.76 8.91
CA LYS A 187 -7.73 10.10 9.14
C LYS A 187 -6.23 10.07 9.31
N GLY A 188 -5.66 8.91 9.66
CA GLY A 188 -4.23 8.73 9.80
C GLY A 188 -3.54 8.18 8.57
N ASN A 189 -4.21 8.17 7.42
CA ASN A 189 -3.57 7.70 6.20
C ASN A 189 -2.33 8.52 5.89
N THR A 190 -1.26 7.82 5.47
CA THR A 190 -0.01 8.47 5.12
C THR A 190 0.26 8.50 3.62
N THR A 191 -0.60 7.91 2.79
CA THR A 191 -0.31 7.73 1.38
C THR A 191 -0.96 8.77 0.47
N GLY A 192 -1.76 9.68 1.01
CA GLY A 192 -2.65 10.46 0.18
C GLY A 192 -2.34 11.91 -0.04
N ALA A 193 -1.14 12.38 0.33
CA ALA A 193 -0.87 13.81 0.32
C ALA A 193 -0.95 14.43 -1.07
N ALA A 194 -0.72 13.65 -2.12
CA ALA A 194 -0.71 14.17 -3.48
C ALA A 194 -2.01 13.90 -4.23
N SER A 195 -2.98 13.26 -3.60
CA SER A 195 -4.20 12.82 -4.28
C SER A 195 -5.36 13.74 -3.88
N ILE A 196 -6.49 13.23 -3.41
CA ILE A 196 -7.64 14.11 -3.13
C ILE A 196 -7.25 15.24 -2.19
N ARG A 197 -6.47 14.92 -1.15
CA ARG A 197 -6.11 15.95 -0.15
C ARG A 197 -5.45 17.16 -0.80
N ALA A 198 -4.66 16.97 -1.85
CA ALA A 198 -3.94 18.07 -2.46
C ALA A 198 -4.85 19.01 -3.22
N GLY A 199 -6.10 18.63 -3.45
CA GLY A 199 -7.02 19.49 -4.18
C GLY A 199 -8.10 20.12 -3.33
N LEU A 200 -8.06 19.97 -2.02
CA LEU A 200 -9.12 20.45 -1.15
C LEU A 200 -8.59 21.54 -0.24
N PRO A 201 -9.47 22.38 0.30
CA PRO A 201 -9.05 23.34 1.33
C PRO A 201 -8.33 22.68 2.49
N THR A 202 -7.21 23.26 2.91
CA THR A 202 -6.39 22.62 3.94
C THR A 202 -7.12 22.51 5.28
N SER A 203 -8.09 23.38 5.54
CA SER A 203 -8.82 23.34 6.79
C SER A 203 -9.83 22.20 6.86
N TRP A 204 -10.08 21.51 5.76
CA TRP A 204 -11.01 20.39 5.76
C TRP A 204 -10.29 19.14 6.25
N THR A 205 -10.93 18.39 7.13
CA THR A 205 -10.36 17.15 7.61
C THR A 205 -10.68 16.02 6.64
N VAL A 206 -9.69 15.19 6.35
CA VAL A 206 -9.85 14.14 5.34
C VAL A 206 -9.42 12.81 5.94
N GLY A 207 -10.25 11.79 5.74
CA GLY A 207 -9.83 10.40 5.86
C GLY A 207 -9.93 9.76 4.48
N ASP A 208 -8.87 9.09 4.05
CA ASP A 208 -8.90 8.55 2.70
C ASP A 208 -8.11 7.27 2.61
N LYS A 209 -8.34 6.56 1.51
CA LYS A 209 -7.56 5.39 1.14
C LYS A 209 -7.23 5.48 -0.34
N THR A 210 -5.94 5.47 -0.68
CA THR A 210 -5.53 5.53 -2.07
C THR A 210 -5.51 4.13 -2.67
N GLY A 211 -5.34 4.07 -3.98
CA GLY A 211 -5.05 2.82 -4.64
C GLY A 211 -4.16 3.06 -5.84
N SER A 212 -3.36 2.04 -6.20
CA SER A 212 -2.49 2.16 -7.36
C SER A 212 -2.31 0.78 -7.96
N GLY A 213 -2.21 0.71 -9.28
CA GLY A 213 -1.98 -0.57 -9.91
C GLY A 213 -1.51 -0.42 -11.34
N ASP A 214 -1.56 -1.53 -12.07
CA ASP A 214 -1.21 -1.52 -13.47
C ASP A 214 -2.18 -0.63 -14.25
N TYR A 215 -1.87 -0.45 -15.52
CA TYR A 215 -2.60 0.47 -16.41
C TYR A 215 -2.63 1.88 -15.84
N GLY A 216 -1.55 2.24 -15.14
CA GLY A 216 -1.44 3.54 -14.53
C GLY A 216 -2.62 3.87 -13.64
N THR A 217 -3.22 2.85 -13.04
CA THR A 217 -4.43 3.07 -12.26
C THR A 217 -4.08 3.81 -10.98
N THR A 218 -4.81 4.88 -10.73
CA THR A 218 -4.53 5.80 -9.62
C THR A 218 -5.87 6.19 -9.02
N ASN A 219 -6.10 5.80 -7.76
CA ASN A 219 -7.40 5.93 -7.11
C ASN A 219 -7.27 6.58 -5.74
N ASP A 220 -8.39 7.14 -5.28
CA ASP A 220 -8.49 7.65 -3.92
C ASP A 220 -9.96 7.69 -3.55
N ILE A 221 -10.28 7.26 -2.33
CA ILE A 221 -11.65 7.40 -1.83
C ILE A 221 -11.57 8.08 -0.47
N ALA A 222 -12.45 9.06 -0.24
CA ALA A 222 -12.28 9.94 0.91
C ALA A 222 -13.62 10.28 1.57
N VAL A 223 -13.56 10.42 2.88
CA VAL A 223 -14.60 11.10 3.65
C VAL A 223 -14.03 12.42 4.13
N ILE A 224 -14.81 13.49 3.98
CA ILE A 224 -14.30 14.85 4.10
C ILE A 224 -15.21 15.62 5.06
N TRP A 225 -14.61 16.29 6.04
CA TRP A 225 -15.34 17.10 7.00
C TRP A 225 -14.96 18.57 6.80
N PRO A 226 -15.71 19.32 6.01
CA PRO A 226 -15.44 20.75 5.91
C PRO A 226 -15.79 21.44 7.22
N GLN A 227 -15.16 22.58 7.46
CA GLN A 227 -15.61 23.43 8.55
C GLN A 227 -16.86 24.17 8.10
N GLY A 228 -17.95 24.01 8.85
CA GLY A 228 -19.15 24.78 8.60
C GLY A 228 -20.20 24.12 7.73
N ARG A 229 -20.06 22.84 7.39
CA ARG A 229 -21.12 22.16 6.66
C ARG A 229 -20.99 20.66 6.89
N ALA A 230 -21.99 19.94 6.40
CA ALA A 230 -22.06 18.50 6.58
C ALA A 230 -20.93 17.82 5.81
N PRO A 231 -20.57 16.60 6.23
CA PRO A 231 -19.47 15.90 5.57
C PRO A 231 -19.78 15.53 4.13
N LEU A 232 -18.72 15.27 3.38
CA LEU A 232 -18.81 14.86 2.00
C LEU A 232 -18.09 13.52 1.84
N VAL A 233 -18.46 12.80 0.80
CA VAL A 233 -17.74 11.60 0.41
C VAL A 233 -17.33 11.75 -1.04
N LEU A 234 -16.06 11.51 -1.34
CA LEU A 234 -15.53 11.72 -2.68
C LEU A 234 -14.75 10.48 -3.10
N VAL A 235 -15.10 9.96 -4.27
CA VAL A 235 -14.38 8.85 -4.90
C VAL A 235 -13.81 9.37 -6.22
N THR A 236 -12.52 9.13 -6.46
CA THR A 236 -11.87 9.47 -7.71
C THR A 236 -11.09 8.26 -8.17
N TYR A 237 -11.49 7.70 -9.31
CA TYR A 237 -10.86 6.55 -9.92
C TYR A 237 -10.29 6.97 -11.27
N PHE A 238 -9.10 6.48 -11.59
CA PHE A 238 -8.46 6.85 -12.85
C PHE A 238 -7.65 5.68 -13.37
N THR A 239 -7.82 5.37 -14.65
CA THR A 239 -7.08 4.25 -15.24
C THR A 239 -6.81 4.57 -16.71
N GLN A 240 -5.81 3.91 -17.27
CA GLN A 240 -5.27 4.30 -18.56
C GLN A 240 -5.18 3.10 -19.48
N PRO A 241 -5.03 3.32 -20.80
CA PRO A 241 -5.13 2.19 -21.74
C PRO A 241 -3.89 1.34 -21.86
N GLN A 242 -2.73 1.81 -21.43
CA GLN A 242 -1.48 1.08 -21.57
C GLN A 242 -1.12 0.44 -20.23
N GLN A 243 -0.80 -0.86 -20.25
CA GLN A 243 -0.51 -1.58 -19.02
C GLN A 243 0.60 -0.91 -18.20
N ASN A 244 1.57 -0.30 -18.87
CA ASN A 244 2.73 0.26 -18.17
C ASN A 244 2.64 1.77 -17.98
N ALA A 245 1.44 2.34 -18.09
CA ALA A 245 1.27 3.78 -17.88
C ALA A 245 1.74 4.18 -16.48
N GLU A 246 2.20 5.42 -16.35
CA GLU A 246 2.63 5.95 -15.07
C GLU A 246 1.42 6.39 -14.24
N SER A 247 1.55 6.28 -12.92
CA SER A 247 0.48 6.76 -12.04
C SER A 247 0.32 8.26 -12.15
N ARG A 248 -0.88 8.73 -11.87
CA ARG A 248 -1.22 10.14 -12.03
C ARG A 248 -1.98 10.61 -10.78
N ARG A 249 -1.29 10.72 -9.65
CA ARG A 249 -1.95 11.26 -8.46
C ARG A 249 -2.41 12.68 -8.70
N ASP A 250 -1.71 13.40 -9.57
CA ASP A 250 -2.07 14.78 -9.87
C ASP A 250 -3.43 14.88 -10.54
N VAL A 251 -3.85 13.85 -11.28
CA VAL A 251 -5.17 13.86 -11.89
C VAL A 251 -6.28 13.78 -10.84
N LEU A 252 -6.04 13.02 -9.77
CA LEU A 252 -7.03 12.95 -8.69
C LEU A 252 -7.12 14.26 -7.94
N ALA A 253 -5.97 14.89 -7.66
CA ALA A 253 -5.99 16.19 -7.03
C ALA A 253 -6.76 17.20 -7.90
N SER A 254 -6.54 17.14 -9.22
CA SER A 254 -7.26 18.04 -10.12
C SER A 254 -8.75 17.77 -10.12
N ALA A 255 -9.12 16.49 -10.16
CA ALA A 255 -10.54 16.14 -10.08
C ALA A 255 -11.18 16.68 -8.81
N ALA A 256 -10.46 16.60 -7.68
CA ALA A 256 -10.97 17.14 -6.42
C ALA A 256 -11.17 18.64 -6.52
N ARG A 257 -10.20 19.36 -7.10
CA ARG A 257 -10.32 20.81 -7.25
C ARG A 257 -11.53 21.15 -8.10
N ILE A 258 -11.75 20.38 -9.15
CA ILE A 258 -12.84 20.66 -10.08
C ILE A 258 -14.18 20.42 -9.40
N ILE A 259 -14.34 19.26 -8.77
CA ILE A 259 -15.68 18.93 -8.29
C ILE A 259 -16.05 19.76 -7.07
N ALA A 260 -15.05 20.22 -6.30
CA ALA A 260 -15.34 21.06 -5.14
C ALA A 260 -15.94 22.40 -5.54
N GLU A 261 -15.70 22.83 -6.78
CA GLU A 261 -16.28 24.09 -7.23
C GLU A 261 -17.79 24.01 -7.40
N GLY A 262 -18.35 22.80 -7.45
CA GLY A 262 -19.78 22.66 -7.55
C GLY A 262 -20.53 22.61 -6.24
N LEU A 263 -19.82 22.70 -5.12
CA LEU A 263 -20.44 22.68 -3.79
C LEU A 263 -21.11 24.02 -3.49
N ALA B 1 16.77 16.39 -6.39
CA ALA B 1 15.63 16.33 -5.49
C ALA B 1 16.10 16.22 -4.05
N GLY B 2 17.07 15.35 -3.76
CA GLY B 2 17.49 15.15 -2.39
C GLY B 2 16.59 14.29 -1.53
N VAL B 3 15.65 13.55 -2.11
CA VAL B 3 14.83 12.63 -1.32
C VAL B 3 15.66 11.39 -1.05
N MET B 4 15.07 10.39 -0.39
CA MET B 4 15.82 9.17 -0.10
C MET B 4 16.15 8.44 -1.39
N THR B 5 17.37 7.88 -1.47
CA THR B 5 17.87 7.23 -2.67
C THR B 5 18.61 5.95 -2.30
N GLY B 6 18.87 5.14 -3.33
CA GLY B 6 19.68 3.95 -3.12
C GLY B 6 21.10 4.28 -2.72
N ALA B 7 21.68 5.35 -3.28
CA ALA B 7 23.01 5.78 -2.88
C ALA B 7 23.07 6.04 -1.38
N LYS B 8 22.09 6.77 -0.86
CA LYS B 8 22.04 7.03 0.57
C LYS B 8 21.85 5.75 1.36
N PHE B 9 21.00 4.85 0.88
CA PHE B 9 20.80 3.58 1.57
C PHE B 9 22.10 2.81 1.68
N THR B 10 22.88 2.79 0.61
CA THR B 10 24.16 2.09 0.63
C THR B 10 25.16 2.79 1.56
N GLN B 11 25.11 4.12 1.64
CA GLN B 11 26.03 4.86 2.50
C GLN B 11 25.73 4.62 3.99
N ILE B 12 24.46 4.47 4.36
CA ILE B 12 24.13 4.20 5.74
C ILE B 12 24.55 2.78 6.10
N GLN B 13 25.24 2.64 7.23
CA GLN B 13 25.86 1.38 7.62
C GLN B 13 25.24 0.85 8.90
N PHE B 14 25.17 -0.48 8.99
CA PHE B 14 24.94 -1.10 10.29
C PHE B 14 25.96 -0.55 11.27
N GLY B 15 25.47 -0.22 12.46
CA GLY B 15 26.30 0.35 13.50
C GLY B 15 26.19 1.85 13.62
N MET B 16 25.61 2.53 12.65
CA MET B 16 25.53 3.97 12.71
C MET B 16 24.49 4.42 13.73
N THR B 17 24.64 5.66 14.18
CA THR B 17 23.69 6.23 15.12
C THR B 17 22.50 6.86 14.39
N ARG B 18 21.47 7.18 15.16
CA ARG B 18 20.31 7.88 14.62
C ARG B 18 20.69 9.17 13.92
N GLN B 19 21.57 9.97 14.52
CA GLN B 19 21.89 11.26 13.88
C GLN B 19 22.67 11.05 12.60
N GLN B 20 23.54 10.03 12.56
CA GLN B 20 24.22 9.71 11.31
C GLN B 20 23.23 9.33 10.21
N VAL B 21 22.25 8.47 10.54
CA VAL B 21 21.21 8.12 9.56
C VAL B 21 20.54 9.38 9.04
N LEU B 22 20.12 10.27 9.95
CA LEU B 22 19.41 11.47 9.52
C LEU B 22 20.28 12.38 8.67
N ASP B 23 21.56 12.53 9.05
CA ASP B 23 22.46 13.37 8.26
C ASP B 23 22.61 12.85 6.85
N ILE B 24 22.81 11.54 6.71
CA ILE B 24 23.04 10.95 5.39
C ILE B 24 21.76 10.92 4.58
N ALA B 25 20.65 10.50 5.21
CA ALA B 25 19.39 10.40 4.48
C ALA B 25 18.85 11.76 4.10
N GLY B 26 19.11 12.78 4.92
CA GLY B 26 18.44 14.05 4.78
C GLY B 26 17.24 14.07 5.70
N ALA B 27 17.33 14.87 6.77
CA ALA B 27 16.37 14.78 7.86
C ALA B 27 14.94 15.00 7.40
N GLU B 28 14.72 15.86 6.39
CA GLU B 28 13.38 16.16 5.91
C GLU B 28 12.73 14.95 5.26
N ASN B 29 13.50 13.93 4.90
CA ASN B 29 12.93 12.74 4.29
C ASN B 29 12.44 11.73 5.31
N CYS B 30 12.69 11.96 6.60
CA CYS B 30 12.66 10.88 7.56
C CYS B 30 11.66 11.15 8.69
N GLU B 31 11.21 10.06 9.30
CA GLU B 31 10.27 10.13 10.40
C GLU B 31 10.53 8.96 11.34
N THR B 32 10.04 9.08 12.56
CA THR B 32 10.10 7.99 13.52
C THR B 32 8.77 7.96 14.26
N GLY B 33 8.61 6.98 15.15
CA GLY B 33 7.39 6.90 15.93
C GLY B 33 6.24 6.31 15.15
N GLY B 34 5.04 6.44 15.73
CA GLY B 34 3.88 5.85 15.07
C GLY B 34 4.10 4.36 14.81
N SER B 35 3.65 3.91 13.63
CA SER B 35 3.77 2.50 13.29
C SER B 35 5.22 2.07 13.10
N PHE B 36 6.16 3.00 13.05
CA PHE B 36 7.55 2.61 12.90
C PHE B 36 8.27 2.46 14.23
N GLY B 37 7.63 2.81 15.33
CA GLY B 37 8.27 2.60 16.62
C GLY B 37 9.49 3.48 16.74
N ASP B 38 10.61 2.91 17.18
CA ASP B 38 11.82 3.71 17.27
C ASP B 38 12.71 3.55 16.04
N SER B 39 12.20 2.90 14.99
CA SER B 39 12.90 2.90 13.71
C SER B 39 12.81 4.27 13.04
N ILE B 40 13.70 4.50 12.08
CA ILE B 40 13.66 5.71 11.25
C ILE B 40 13.31 5.30 9.83
N HIS B 41 12.29 5.95 9.28
CA HIS B 41 11.73 5.62 7.98
C HIS B 41 11.88 6.83 7.08
N CYS B 42 12.55 6.64 5.94
CA CYS B 42 12.89 7.75 5.07
C CYS B 42 12.34 7.49 3.68
N ARG B 43 11.70 8.51 3.09
CA ARG B 43 10.95 8.34 1.85
C ARG B 43 11.67 8.94 0.66
N GLY B 44 11.53 8.28 -0.48
CA GLY B 44 12.02 8.78 -1.75
C GLY B 44 10.88 9.10 -2.70
N HIS B 45 11.08 8.82 -3.98
CA HIS B 45 10.12 9.13 -5.04
C HIS B 45 8.83 8.31 -4.90
N ALA B 46 7.76 8.83 -5.51
CA ALA B 46 6.50 8.09 -5.50
C ALA B 46 6.64 6.78 -6.26
N ALA B 47 6.03 5.72 -5.73
CA ALA B 47 6.14 4.41 -6.34
C ALA B 47 4.98 3.58 -5.85
N GLY B 48 4.42 2.73 -6.71
CA GLY B 48 3.27 1.93 -6.30
C GLY B 48 2.20 2.81 -5.68
N ASP B 49 1.68 2.40 -4.52
CA ASP B 49 0.70 3.16 -3.76
C ASP B 49 1.34 3.94 -2.63
N TYR B 50 2.66 4.15 -2.69
CA TYR B 50 3.49 4.71 -1.61
C TYR B 50 4.96 4.70 -2.00
N TYR B 51 5.69 5.64 -1.45
CA TYR B 51 6.99 6.02 -1.96
C TYR B 51 8.02 4.91 -1.82
N ALA B 52 9.00 4.93 -2.71
CA ALA B 52 10.22 4.20 -2.42
C ALA B 52 10.71 4.62 -1.04
N TYR B 53 11.30 3.69 -0.30
CA TYR B 53 11.63 4.07 1.09
C TYR B 53 12.75 3.20 1.60
N ALA B 54 13.31 3.64 2.73
CA ALA B 54 14.15 2.82 3.58
C ALA B 54 13.61 2.86 5.00
N THR B 55 13.79 1.76 5.73
CA THR B 55 13.53 1.77 7.16
C THR B 55 14.76 1.25 7.87
N PHE B 56 15.22 1.99 8.87
CA PHE B 56 16.38 1.64 9.65
C PHE B 56 15.94 1.33 11.07
N GLY B 57 16.24 0.12 11.54
CA GLY B 57 15.96 -0.27 12.89
C GLY B 57 17.19 -0.11 13.77
N PHE B 58 16.96 0.09 15.06
CA PHE B 58 18.04 0.40 16.00
C PHE B 58 18.02 -0.58 17.16
N THR B 59 19.19 -0.72 17.80
CA THR B 59 19.35 -1.68 18.89
C THR B 59 18.50 -1.34 20.10
N SER B 60 18.11 -0.09 20.26
CA SER B 60 17.26 0.35 21.37
C SER B 60 16.70 1.72 21.02
N ALA B 61 15.89 2.26 21.93
CA ALA B 61 15.39 3.61 21.77
C ALA B 61 16.41 4.67 22.20
N ALA B 62 17.55 4.28 22.75
CA ALA B 62 18.52 5.23 23.25
C ALA B 62 19.11 6.07 22.12
N ALA B 63 19.42 7.33 22.46
CA ALA B 63 19.99 8.24 21.47
C ALA B 63 21.30 7.73 20.90
N ASP B 64 21.99 6.82 21.59
CA ASP B 64 23.26 6.27 21.10
C ASP B 64 23.11 4.88 20.51
N ALA B 65 21.90 4.42 20.27
CA ALA B 65 21.69 3.09 19.71
C ALA B 65 22.28 3.03 18.30
N LYS B 66 22.42 1.81 17.78
CA LYS B 66 23.07 1.61 16.50
C LYS B 66 22.12 0.92 15.53
N VAL B 67 22.33 1.19 14.23
CA VAL B 67 21.56 0.52 13.18
C VAL B 67 21.80 -0.98 13.25
N ASP B 68 20.73 -1.75 13.47
CA ASP B 68 20.82 -3.19 13.42
C ASP B 68 19.93 -3.78 12.34
N SER B 69 19.24 -2.94 11.56
CA SER B 69 18.30 -3.43 10.56
C SER B 69 18.21 -2.40 9.43
N LYS B 70 18.31 -2.86 8.20
CA LYS B 70 18.14 -2.03 7.00
C LYS B 70 17.12 -2.72 6.09
N SER B 71 16.08 -1.98 5.71
CA SER B 71 15.10 -2.45 4.74
C SER B 71 14.92 -1.37 3.69
N GLN B 72 14.69 -1.77 2.44
CA GLN B 72 14.43 -0.80 1.38
C GLN B 72 13.47 -1.39 0.36
N TRP B 73 12.72 -0.48 -0.27
CA TRP B 73 11.78 -0.80 -1.34
C TRP B 73 11.99 0.22 -2.45
N LYS B 74 12.40 -0.29 -3.63
CA LYS B 74 12.51 0.48 -4.86
C LYS B 74 13.56 1.57 -4.79
N LEU B 75 14.52 1.42 -3.87
CA LEU B 75 15.70 2.27 -3.88
C LEU B 75 16.88 1.65 -4.63
N LEU B 76 17.01 0.33 -4.61
CA LEU B 76 18.14 -0.37 -5.23
C LEU B 76 17.67 -1.15 -6.46
N ALA B 77 18.42 -1.03 -7.52
CA ALA B 77 18.16 -1.83 -8.70
C ALA B 77 19.19 -2.95 -8.82
N PRO B 78 18.80 -4.11 -9.35
CA PRO B 78 19.77 -5.18 -9.57
C PRO B 78 20.77 -4.77 -10.65
N SER B 79 22.02 -5.20 -10.47
CA SER B 79 23.10 -4.73 -11.34
C SER B 79 23.10 -5.43 -12.70
N ALA B 80 22.70 -6.70 -12.74
CA ALA B 80 22.65 -7.45 -13.99
C ALA B 80 21.67 -8.60 -13.82
N PRO B 81 20.37 -8.32 -13.87
CA PRO B 81 19.38 -9.36 -13.54
C PRO B 81 19.29 -10.40 -14.65
N THR B 82 19.38 -11.66 -14.26
CA THR B 82 19.29 -12.77 -15.19
C THR B 82 18.42 -13.91 -14.65
N LEU B 83 17.63 -13.67 -13.61
CA LEU B 83 16.82 -14.74 -13.04
C LEU B 83 15.83 -15.25 -14.08
N THR B 84 15.65 -16.57 -14.10
CA THR B 84 14.60 -17.20 -14.87
C THR B 84 13.88 -18.21 -13.98
N LEU B 85 12.73 -18.69 -14.46
CA LEU B 85 12.01 -19.74 -13.74
C LEU B 85 12.86 -21.00 -13.63
N ALA B 86 13.52 -21.39 -14.72
CA ALA B 86 14.41 -22.55 -14.69
C ALA B 86 15.52 -22.38 -13.66
N LYS B 87 16.14 -21.20 -13.60
CA LYS B 87 17.17 -20.97 -12.60
C LYS B 87 16.58 -20.97 -11.19
N PHE B 88 15.43 -20.31 -11.01
CA PHE B 88 14.77 -20.32 -9.71
C PHE B 88 14.51 -21.74 -9.23
N ASN B 89 14.10 -22.64 -10.14
CA ASN B 89 13.77 -24.00 -9.73
C ASN B 89 14.99 -24.80 -9.32
N GLN B 90 16.20 -24.36 -9.65
CA GLN B 90 17.39 -25.07 -9.18
C GLN B 90 17.78 -24.68 -7.77
N VAL B 91 17.20 -23.60 -7.23
CA VAL B 91 17.49 -23.16 -5.87
C VAL B 91 16.85 -24.12 -4.89
N THR B 92 17.56 -24.43 -3.80
CA THR B 92 16.96 -25.28 -2.79
C THR B 92 17.28 -24.75 -1.39
N VAL B 93 16.30 -24.87 -0.50
CA VAL B 93 16.52 -24.54 0.90
C VAL B 93 17.71 -25.31 1.44
N GLY B 94 18.51 -24.64 2.25
CA GLY B 94 19.77 -25.16 2.74
C GLY B 94 20.98 -24.64 1.99
N MET B 95 20.77 -24.13 0.78
CA MET B 95 21.85 -23.47 0.05
C MET B 95 22.33 -22.24 0.81
N THR B 96 23.62 -21.97 0.70
CA THR B 96 24.16 -20.70 1.17
C THR B 96 23.74 -19.58 0.23
N ARG B 97 23.90 -18.35 0.69
CA ARG B 97 23.67 -17.19 -0.17
C ARG B 97 24.56 -17.24 -1.40
N ALA B 98 25.84 -17.56 -1.22
CA ALA B 98 26.73 -17.71 -2.37
C ALA B 98 26.20 -18.76 -3.35
N GLN B 99 25.72 -19.89 -2.84
CA GLN B 99 25.14 -20.90 -3.72
C GLN B 99 23.90 -20.38 -4.43
N VAL B 100 23.07 -19.61 -3.74
CA VAL B 100 21.88 -19.07 -4.39
C VAL B 100 22.27 -18.10 -5.49
N LEU B 101 23.20 -17.18 -5.19
CA LEU B 101 23.61 -16.20 -6.18
C LEU B 101 24.28 -16.85 -7.38
N ALA B 102 25.02 -17.94 -7.17
CA ALA B 102 25.60 -18.63 -8.31
C ALA B 102 24.53 -19.26 -9.18
N THR B 103 23.37 -19.57 -8.61
CA THR B 103 22.27 -20.18 -9.34
C THR B 103 21.42 -19.15 -10.06
N VAL B 104 21.09 -18.05 -9.38
CA VAL B 104 20.15 -17.08 -9.94
C VAL B 104 20.84 -15.95 -10.68
N GLY B 105 22.17 -15.85 -10.57
CA GLY B 105 22.87 -14.75 -11.19
C GLY B 105 23.36 -13.79 -10.13
N GLN B 106 24.68 -13.54 -10.14
CA GLN B 106 25.31 -12.71 -9.12
C GLN B 106 24.74 -11.29 -9.08
N GLY B 107 24.14 -10.83 -10.18
CA GLY B 107 23.61 -9.47 -10.22
C GLY B 107 22.10 -9.43 -10.34
N SER B 108 21.43 -10.51 -9.96
CA SER B 108 19.98 -10.56 -10.09
C SER B 108 19.24 -10.01 -8.89
N CYS B 109 19.91 -9.79 -7.77
CA CYS B 109 19.21 -9.55 -6.52
C CYS B 109 19.55 -8.20 -5.90
N THR B 110 18.63 -7.73 -5.07
CA THR B 110 18.84 -6.60 -4.19
C THR B 110 18.45 -7.02 -2.77
N THR B 111 18.98 -6.31 -1.79
CA THR B 111 18.72 -6.61 -0.39
C THR B 111 17.44 -5.91 0.03
N TRP B 112 16.41 -6.71 0.32
CA TRP B 112 15.12 -6.18 0.78
C TRP B 112 15.18 -5.81 2.25
N SER B 113 15.66 -6.74 3.09
CA SER B 113 15.76 -6.48 4.51
C SER B 113 16.92 -7.30 5.06
N GLU B 114 17.60 -6.73 6.04
CA GLU B 114 18.77 -7.38 6.63
C GLU B 114 18.80 -6.97 8.09
N TYR B 115 18.83 -7.95 8.98
CA TYR B 115 18.63 -7.68 10.40
C TYR B 115 19.56 -8.54 11.23
N TYR B 116 20.22 -7.89 12.21
CA TYR B 116 21.13 -8.55 13.15
C TYR B 116 20.52 -8.52 14.53
N PRO B 117 19.77 -9.55 14.93
CA PRO B 117 19.07 -9.51 16.22
C PRO B 117 20.00 -9.54 17.43
N ALA B 118 21.28 -9.82 17.24
CA ALA B 118 22.23 -9.78 18.34
C ALA B 118 23.39 -8.80 18.09
N TYR B 119 23.18 -7.80 17.21
CA TYR B 119 24.20 -6.80 16.88
C TYR B 119 24.99 -6.35 18.11
N PRO B 120 26.34 -6.26 18.04
CA PRO B 120 27.23 -6.48 16.89
C PRO B 120 27.52 -7.93 16.56
N SER B 121 27.05 -8.90 17.34
CA SER B 121 27.17 -10.29 16.91
C SER B 121 26.33 -10.51 15.67
N THR B 122 26.86 -11.30 14.74
CA THR B 122 26.14 -11.63 13.52
C THR B 122 25.30 -12.88 13.65
N ALA B 123 25.28 -13.50 14.83
CA ALA B 123 24.52 -14.72 15.01
C ALA B 123 23.03 -14.45 14.82
N GLY B 124 22.39 -15.27 14.01
CA GLY B 124 20.96 -15.15 13.78
C GLY B 124 20.57 -14.14 12.73
N VAL B 125 21.53 -13.59 11.98
CA VAL B 125 21.21 -12.60 10.94
C VAL B 125 20.17 -13.17 9.99
N THR B 126 19.14 -12.37 9.72
CA THR B 126 18.13 -12.72 8.73
C THR B 126 18.29 -11.81 7.52
N LEU B 127 18.06 -12.37 6.34
CA LEU B 127 18.26 -11.64 5.10
C LEU B 127 17.13 -11.98 4.15
N SER B 128 16.47 -10.97 3.61
CA SER B 128 15.52 -11.16 2.53
C SER B 128 16.09 -10.54 1.27
N LEU B 129 16.23 -11.33 0.22
CA LEU B 129 16.66 -10.84 -1.08
C LEU B 129 15.47 -10.82 -2.02
N SER B 130 15.42 -9.81 -2.86
CA SER B 130 14.52 -9.77 -3.99
C SER B 130 15.35 -9.98 -5.24
N CYS B 131 14.95 -10.93 -6.07
CA CYS B 131 15.70 -11.22 -7.28
C CYS B 131 14.78 -11.09 -8.49
N PHE B 132 15.35 -10.72 -9.63
CA PHE B 132 14.53 -10.24 -10.73
C PHE B 132 14.97 -10.87 -12.05
N ASP B 133 14.01 -11.13 -12.93
CA ASP B 133 14.42 -11.47 -14.28
C ASP B 133 14.89 -10.21 -15.00
N VAL B 134 15.40 -10.39 -16.22
CA VAL B 134 16.14 -9.33 -16.89
C VAL B 134 15.30 -8.06 -17.01
N ASP B 135 13.99 -8.19 -17.19
CA ASP B 135 13.09 -7.03 -17.28
C ASP B 135 12.12 -6.97 -16.12
N GLY B 136 12.48 -7.55 -14.97
CA GLY B 136 11.52 -7.65 -13.88
C GLY B 136 11.47 -6.52 -12.89
N TYR B 137 12.60 -5.83 -12.70
CA TYR B 137 12.63 -4.78 -11.70
C TYR B 137 11.97 -3.51 -12.24
N SER B 138 11.23 -2.85 -11.36
CA SER B 138 10.70 -1.53 -11.67
C SER B 138 10.90 -0.66 -10.44
N SER B 139 11.32 0.58 -10.64
CA SER B 139 11.46 1.49 -9.51
C SER B 139 10.17 2.23 -9.20
N THR B 140 9.08 1.98 -9.95
CA THR B 140 7.86 2.76 -9.79
C THR B 140 6.59 1.93 -9.77
N GLY B 141 6.53 0.77 -10.43
CA GLY B 141 5.34 -0.06 -10.41
C GLY B 141 5.65 -1.54 -10.19
N PHE B 142 4.74 -2.40 -10.59
CA PHE B 142 4.86 -3.81 -10.27
C PHE B 142 6.05 -4.44 -10.97
N TYR B 143 6.65 -5.43 -10.31
CA TYR B 143 7.72 -6.22 -10.91
C TYR B 143 7.15 -7.10 -12.02
N ARG B 144 8.01 -7.44 -12.98
CA ARG B 144 7.61 -8.29 -14.09
C ARG B 144 8.41 -9.57 -14.09
N GLY B 145 8.31 -10.35 -12.99
CA GLY B 145 9.13 -11.51 -12.80
C GLY B 145 10.10 -11.29 -11.65
N SER B 146 9.76 -11.75 -10.47
CA SER B 146 10.58 -11.50 -9.28
C SER B 146 10.46 -12.67 -8.32
N ALA B 147 11.39 -12.72 -7.36
CA ALA B 147 11.38 -13.75 -6.35
C ALA B 147 11.82 -13.15 -5.03
N HIS B 148 11.34 -13.76 -3.94
CA HIS B 148 11.77 -13.45 -2.57
C HIS B 148 12.50 -14.67 -2.04
N LEU B 149 13.74 -14.46 -1.61
CA LEU B 149 14.55 -15.53 -1.03
C LEU B 149 14.98 -15.11 0.35
N TRP B 150 14.69 -15.92 1.36
CA TRP B 150 14.97 -15.51 2.72
C TRP B 150 15.91 -16.49 3.41
N PHE B 151 16.82 -15.93 4.18
CA PHE B 151 17.95 -16.63 4.78
C PHE B 151 17.98 -16.37 6.28
N THR B 152 18.53 -17.34 7.02
CA THR B 152 18.96 -17.14 8.38
C THR B 152 20.39 -17.64 8.48
N ASP B 153 21.27 -16.83 9.05
CA ASP B 153 22.69 -17.20 9.18
C ASP B 153 23.30 -17.58 7.83
N GLY B 154 22.88 -16.88 6.78
CA GLY B 154 23.41 -17.11 5.44
C GLY B 154 22.89 -18.35 4.76
N VAL B 155 21.89 -19.01 5.31
CA VAL B 155 21.38 -20.26 4.77
C VAL B 155 19.92 -20.07 4.36
N LEU B 156 19.61 -20.46 3.13
CA LEU B 156 18.27 -20.25 2.61
C LEU B 156 17.24 -21.05 3.39
N GLN B 157 16.21 -20.37 3.89
CA GLN B 157 15.12 -21.01 4.62
C GLN B 157 13.83 -21.08 3.83
N GLY B 158 13.71 -20.33 2.74
CA GLY B 158 12.48 -20.35 1.97
C GLY B 158 12.59 -19.44 0.77
N LYS B 159 11.62 -19.58 -0.12
CA LYS B 159 11.62 -18.84 -1.38
C LYS B 159 10.21 -18.84 -1.96
N ARG B 160 9.93 -17.80 -2.76
CA ARG B 160 8.68 -17.63 -3.49
C ARG B 160 8.99 -16.83 -4.75
N GLN B 161 8.25 -17.11 -5.83
CA GLN B 161 8.43 -16.35 -7.05
C GLN B 161 7.07 -15.91 -7.57
N TRP B 162 7.07 -14.78 -8.27
CA TRP B 162 5.88 -14.27 -8.95
C TRP B 162 6.24 -14.00 -10.41
N ASP B 163 5.56 -14.69 -11.32
CA ASP B 163 5.52 -14.35 -12.75
C ASP B 163 6.82 -14.65 -13.49
N LEU B 164 7.70 -15.46 -12.92
CA LEU B 164 8.89 -15.86 -13.66
C LEU B 164 8.52 -16.75 -14.84
N VAL B 165 9.34 -16.69 -15.88
CA VAL B 165 9.06 -17.45 -17.10
C VAL B 165 10.31 -18.24 -17.50
#